data_3IQN
#
_entry.id   3IQN
#
_cell.length_a   61.980
_cell.length_b   61.980
_cell.length_c   159.070
_cell.angle_alpha   90.00
_cell.angle_beta   90.00
_cell.angle_gamma   90.00
#
_symmetry.space_group_name_H-M   'P 43 21 2'
#
loop_
_entity.id
_entity.type
_entity.pdbx_description
1 polymer 'SAM-I riboswitch'
2 non-polymer 'BARIUM ION'
3 non-polymer 'POTASSIUM ION'
4 non-polymer S-ADENOSYLMETHIONINE
5 water water
#
_entity_poly.entity_id   1
_entity_poly.type   'polyribonucleotide'
_entity_poly.pdbx_seq_one_letter_code
;GGCUUAUCAAGAGAGGUGGAGGGACUGGCCCGAUGAAACCCGGCAGCCAGAAAUGGUGCCAAUUCCUGCAGCGGAAACGU
UGAAAGAUGAGCCG
;
_entity_poly.pdbx_strand_id   A
#